data_8QMK
#
_entry.id   8QMK
#
_cell.length_a   63.830
_cell.length_b   83.560
_cell.length_c   70.840
_cell.angle_alpha   90.000
_cell.angle_beta   90.000
_cell.angle_gamma   90.000
#
_symmetry.space_group_name_H-M   'P 21 21 2'
#
loop_
_entity.id
_entity.type
_entity.pdbx_description
1 polymer '[FeFe] hydrogenase maturase subunit HydE'
2 non-polymer 'FE (II) ION'
3 non-polymer 'CARBON MONOXIDE'
4 non-polymer 'CYANIDE ION'
5 non-polymer 3-[(3-CHOLAMIDOPROPYL)DIMETHYLAMMONIO]-1-PROPANESULFONATE
6 non-polymer 'IRON/SULFUR CLUSTER'
7 non-polymer S-ADENOSYL-L-HOMOCYSTEINE
8 non-polymer 'CHLORIDE ION'
9 non-polymer 'SULFATE ION'
10 non-polymer CYSTEINE
11 water water
#
_entity_poly.entity_id   1
_entity_poly.type   'polypeptide(L)'
_entity_poly.pdbx_seq_one_letter_code
;MWSHPQFEKASTGREILEKLERREFTREVLKEALSINDRGFNEALFKLADEIRRKYVGDEVHIRAIIEFSNVCRKNCLYC
GLRRDNKNLKRYRMTPEEIVERARLAVQFGAKTIVLQSGEDPYYMPDVISDIVKEIKKMGVAVTLSLGEWPREYYEKWKE
AGADRYLLRHETANPVLHRKLRPDTSFENRLNCLLTLKELGYETGAGSMVGLPGQTIDDLVDDLLFLKEHDFDMVGIGPF
IPHPDTPLANEKKGDFTLTLKMVALTRILLPDSNIPATTAMGTIVPGGREITLRCGANVIIPNWTPSPYRQLYQLYPGKI
SVFEKDTASIPSVMKMIELLGRKPGRDWGGRKRVFETV
;
_entity_poly.pdbx_strand_id   A
#
loop_
_chem_comp.id
_chem_comp.type
_chem_comp.name
_chem_comp.formula
CL non-polymer 'CHLORIDE ION' 'Cl -1'
CMO non-polymer 'CARBON MONOXIDE' 'C O'
CPS non-polymer 3-[(3-CHOLAMIDOPROPYL)DIMETHYLAMMONIO]-1-PROPANESULFONATE 'C32 H58 N2 O7 S'
CYN non-polymer 'CYANIDE ION' 'C N -1'
FE2 non-polymer 'FE (II) ION' 'Fe 2'
SAH non-polymer S-ADENOSYL-L-HOMOCYSTEINE 'C14 H20 N6 O5 S'
SF4 non-polymer 'IRON/SULFUR CLUSTER' 'Fe4 S4'
SO4 non-polymer 'SULFATE ION' 'O4 S -2'
#
# COMPACT_ATOMS: atom_id res chain seq x y z
N MET A 1 -13.06 43.75 23.67
N MET A 1 -12.78 41.10 23.51
CA MET A 1 -12.10 42.72 23.22
CA MET A 1 -12.12 42.36 23.22
C MET A 1 -11.87 42.74 21.69
C MET A 1 -11.87 42.63 21.70
N TRP A 2 -10.62 42.53 21.23
CA TRP A 2 -10.29 42.69 19.81
CA TRP A 2 -10.32 42.69 19.81
C TRP A 2 -10.50 41.40 19.03
N SER A 3 -10.62 41.54 17.71
CA SER A 3 -11.07 40.44 16.85
CA SER A 3 -11.07 40.44 16.84
C SER A 3 -9.92 39.54 16.41
N HIS A 4 -10.28 38.40 15.83
CA HIS A 4 -9.31 37.37 15.43
C HIS A 4 -9.81 36.74 14.14
N PRO A 5 -9.78 37.46 13.05
CA PRO A 5 -10.37 36.95 11.80
C PRO A 5 -9.47 35.93 11.11
N GLN A 6 -10.08 35.04 10.32
CA GLN A 6 -9.22 34.08 9.65
C GLN A 6 -8.63 34.71 8.39
N PHE A 7 -7.55 34.11 7.92
CA PHE A 7 -7.02 34.58 6.65
C PHE A 7 -7.90 34.07 5.53
N GLU A 8 -7.92 34.79 4.40
CA GLU A 8 -8.71 34.30 3.28
C GLU A 8 -8.25 32.91 2.85
N LYS A 9 -9.23 32.10 2.43
CA LYS A 9 -8.94 30.69 2.10
C LYS A 9 -7.99 30.58 0.90
N ALA A 10 -8.19 31.39 -0.14
CA ALA A 10 -7.24 31.27 -1.25
C ALA A 10 -5.81 31.58 -0.80
N SER A 11 -5.60 32.64 0.01
CA SER A 11 -4.23 32.98 0.41
CA SER A 11 -4.23 32.96 0.39
C SER A 11 -3.62 31.92 1.36
N THR A 12 -4.41 31.39 2.30
CA THR A 12 -4.00 30.23 3.10
C THR A 12 -3.54 29.04 2.25
N GLY A 13 -4.33 28.68 1.23
CA GLY A 13 -4.01 27.48 0.44
C GLY A 13 -2.72 27.71 -0.35
N ARG A 14 -2.50 28.94 -0.83
CA ARG A 14 -1.25 29.25 -1.54
C ARG A 14 -0.06 29.17 -0.58
N GLU A 15 -0.22 29.61 0.64
CA GLU A 15 0.87 29.50 1.60
C GLU A 15 1.20 28.07 1.94
N ILE A 16 0.18 27.23 2.12
CA ILE A 16 0.42 25.81 2.39
C ILE A 16 1.23 25.17 1.27
N LEU A 17 0.85 25.41 0.00
CA LEU A 17 1.60 24.84 -1.12
C LEU A 17 3.06 25.30 -1.10
N GLU A 18 3.29 26.57 -0.77
CA GLU A 18 4.66 27.04 -0.72
C GLU A 18 5.45 26.35 0.38
N LYS A 19 4.83 26.20 1.55
CA LYS A 19 5.51 25.47 2.63
C LYS A 19 5.85 24.04 2.19
N LEU A 20 4.94 23.39 1.49
CA LEU A 20 5.22 22.03 1.05
C LEU A 20 6.36 22.01 0.03
N GLU A 21 6.39 23.00 -0.86
CA GLU A 21 7.45 23.08 -1.87
C GLU A 21 8.81 23.34 -1.22
N ARG A 22 8.83 24.11 -0.13
CA ARG A 22 10.06 24.36 0.62
C ARG A 22 10.36 23.25 1.61
N ARG A 23 9.48 22.24 1.74
CA ARG A 23 9.75 21.10 2.59
CA ARG A 23 9.72 21.09 2.60
C ARG A 23 9.67 21.44 4.08
N GLU A 24 8.79 22.36 4.46
CA GLU A 24 8.59 22.73 5.87
C GLU A 24 7.36 21.95 6.34
N PHE A 25 7.57 20.70 6.81
CA PHE A 25 6.53 19.72 7.08
C PHE A 25 6.05 19.71 8.54
N THR A 26 5.60 20.88 8.95
CA THR A 26 5.09 20.92 10.30
C THR A 26 3.73 20.25 10.36
N ARG A 27 3.39 19.83 11.58
CA ARG A 27 2.11 19.18 11.79
CA ARG A 27 2.10 19.18 11.80
C ARG A 27 0.96 20.06 11.31
N GLU A 28 1.00 21.37 11.63
CA GLU A 28 -0.11 22.25 11.24
C GLU A 28 -0.23 22.32 9.71
N VAL A 29 0.90 22.33 9.04
CA VAL A 29 0.87 22.39 7.54
C VAL A 29 0.27 21.12 6.97
N LEU A 30 0.62 19.94 7.52
CA LEU A 30 0.09 18.67 7.00
C LEU A 30 -1.41 18.59 7.32
N LYS A 31 -1.80 19.02 8.56
CA LYS A 31 -3.21 19.03 8.93
C LYS A 31 -4.03 19.92 7.98
N GLU A 32 -3.56 21.13 7.75
CA GLU A 32 -4.31 22.03 6.86
C GLU A 32 -4.37 21.52 5.43
N ALA A 33 -3.28 20.89 4.94
CA ALA A 33 -3.32 20.37 3.58
C ALA A 33 -4.40 19.25 3.48
N LEU A 34 -4.55 18.41 4.54
CA LEU A 34 -5.59 17.36 4.52
C LEU A 34 -6.99 17.91 4.77
N SER A 35 -7.13 19.11 5.34
CA SER A 35 -8.44 19.65 5.69
C SER A 35 -9.02 20.55 4.59
N ILE A 36 -8.21 21.12 3.69
CA ILE A 36 -8.72 22.00 2.63
C ILE A 36 -9.53 21.19 1.62
N ASN A 37 -10.71 21.70 1.23
N ASN A 37 -10.75 21.64 1.37
CA ASN A 37 -11.58 20.91 0.34
CA ASN A 37 -11.65 21.03 0.39
C ASN A 37 -11.77 21.50 -1.07
C ASN A 37 -11.81 22.04 -0.75
N ASP A 38 -10.77 22.14 -1.58
CA ASP A 38 -10.83 23.04 -2.72
C ASP A 38 -10.18 22.30 -3.89
N ARG A 39 -10.88 22.26 -5.05
CA ARG A 39 -10.39 21.51 -6.19
CA ARG A 39 -10.37 21.49 -6.19
C ARG A 39 -9.07 22.07 -6.70
N GLY A 40 -8.88 23.37 -6.63
CA GLY A 40 -7.64 23.98 -7.16
C GLY A 40 -6.45 23.73 -6.24
N PHE A 41 -6.65 23.80 -4.92
CA PHE A 41 -5.59 23.40 -4.02
C PHE A 41 -5.22 21.95 -4.24
N ASN A 42 -6.24 21.06 -4.35
CA ASN A 42 -5.94 19.65 -4.48
C ASN A 42 -5.16 19.41 -5.77
N GLU A 43 -5.58 20.01 -6.87
CA GLU A 43 -4.90 19.79 -8.16
C GLU A 43 -3.45 20.22 -8.07
N ALA A 44 -3.18 21.40 -7.46
CA ALA A 44 -1.80 21.87 -7.26
C ALA A 44 -1.00 20.89 -6.37
N LEU A 45 -1.62 20.32 -5.34
CA LEU A 45 -0.90 19.33 -4.54
C LEU A 45 -0.56 18.08 -5.38
N PHE A 46 -1.53 17.60 -6.18
CA PHE A 46 -1.25 16.43 -7.03
C PHE A 46 -0.17 16.74 -8.05
N LYS A 47 -0.16 17.97 -8.59
CA LYS A 47 0.91 18.32 -9.54
C LYS A 47 2.27 18.36 -8.86
N LEU A 48 2.36 18.90 -7.63
CA LEU A 48 3.63 18.92 -6.92
C LEU A 48 4.12 17.49 -6.70
N ALA A 49 3.23 16.61 -6.21
CA ALA A 49 3.64 15.22 -6.04
C ALA A 49 4.05 14.55 -7.36
N ASP A 50 3.33 14.84 -8.44
CA ASP A 50 3.73 14.27 -9.72
C ASP A 50 5.10 14.79 -10.13
N GLU A 51 5.40 16.08 -9.89
CA GLU A 51 6.72 16.63 -10.22
C GLU A 51 7.81 15.89 -9.47
N ILE A 52 7.63 15.75 -8.16
CA ILE A 52 8.67 15.09 -7.38
CA ILE A 52 8.62 15.07 -7.33
C ILE A 52 8.83 13.65 -7.82
N ARG A 53 7.73 12.96 -8.13
CA ARG A 53 7.80 11.58 -8.63
C ARG A 53 8.66 11.56 -9.93
N ARG A 54 8.36 12.47 -10.90
CA ARG A 54 9.16 12.51 -12.13
C ARG A 54 10.63 12.68 -11.80
N LYS A 55 10.96 13.63 -10.92
CA LYS A 55 12.38 13.95 -10.70
CA LYS A 55 12.36 13.96 -10.69
C LYS A 55 13.14 12.84 -9.97
N TYR A 56 12.48 12.09 -9.03
CA TYR A 56 13.28 11.19 -8.19
CA TYR A 56 13.19 11.20 -8.11
C TYR A 56 12.97 9.72 -8.38
N VAL A 57 11.89 9.36 -9.05
CA VAL A 57 11.68 7.96 -9.45
C VAL A 57 11.43 7.79 -10.93
N GLY A 58 11.32 8.85 -11.69
CA GLY A 58 11.27 8.70 -13.17
C GLY A 58 9.95 8.18 -13.67
N ASP A 59 10.00 7.68 -14.93
CA ASP A 59 8.81 7.31 -15.69
CA ASP A 59 8.76 7.33 -15.60
C ASP A 59 8.46 5.84 -15.62
N GLU A 60 9.35 4.97 -15.06
CA GLU A 60 8.98 3.58 -15.00
C GLU A 60 7.84 3.37 -13.98
N VAL A 61 6.86 2.54 -14.35
CA VAL A 61 5.84 2.05 -13.39
C VAL A 61 6.20 0.57 -13.19
N HIS A 62 6.67 0.27 -11.97
CA HIS A 62 7.09 -1.11 -11.71
C HIS A 62 5.91 -2.05 -11.49
N ILE A 63 5.95 -3.19 -12.17
CA ILE A 63 4.89 -4.17 -12.11
C ILE A 63 5.28 -5.27 -11.12
N ARG A 64 4.43 -5.49 -10.13
CA ARG A 64 4.66 -6.57 -9.16
C ARG A 64 3.46 -7.49 -9.30
N ALA A 65 3.66 -8.76 -9.64
CA ALA A 65 2.52 -9.69 -9.82
C ALA A 65 2.23 -10.37 -8.49
N ILE A 66 0.96 -10.23 -8.00
CA ILE A 66 0.63 -10.80 -6.70
C ILE A 66 -0.12 -12.13 -6.84
N ILE A 67 0.26 -13.10 -5.98
CA ILE A 67 -0.42 -14.37 -5.88
C ILE A 67 -0.91 -14.47 -4.43
N GLU A 68 -2.24 -14.48 -4.28
CA GLU A 68 -2.88 -14.46 -2.94
C GLU A 68 -3.21 -15.95 -2.68
N PHE A 69 -2.26 -16.64 -2.01
CA PHE A 69 -2.20 -18.10 -2.13
C PHE A 69 -2.98 -18.84 -1.07
N SER A 70 -3.48 -18.16 -0.08
CA SER A 70 -4.38 -18.75 0.93
C SER A 70 -5.23 -17.65 1.52
N ASN A 71 -6.52 -17.92 1.74
CA ASN A 71 -7.38 -16.97 2.42
C ASN A 71 -7.67 -17.39 3.86
N VAL A 72 -6.91 -18.36 4.40
CA VAL A 72 -7.06 -18.76 5.80
C VAL A 72 -6.31 -17.75 6.68
N CYS A 73 -6.98 -17.31 7.77
CA CYS A 73 -6.33 -16.37 8.70
C CYS A 73 -6.67 -16.74 10.15
N ARG A 74 -5.65 -16.71 11.01
CA ARG A 74 -5.85 -16.94 12.44
C ARG A 74 -6.28 -15.65 13.15
N LYS A 75 -6.18 -14.46 12.52
CA LYS A 75 -6.56 -13.23 13.18
C LYS A 75 -8.00 -12.85 12.88
N ASN A 76 -8.45 -11.74 13.49
CA ASN A 76 -9.89 -11.38 13.48
C ASN A 76 -10.08 -9.87 13.28
N CYS A 77 -9.25 -9.24 12.47
CA CYS A 77 -9.33 -7.80 12.24
C CYS A 77 -10.74 -7.40 11.87
N LEU A 78 -11.24 -6.28 12.49
CA LEU A 78 -12.66 -5.96 12.36
C LEU A 78 -13.03 -5.50 10.95
N TYR A 79 -12.05 -5.04 10.17
CA TYR A 79 -12.34 -4.51 8.81
C TYR A 79 -12.30 -5.58 7.72
N CYS A 80 -11.68 -6.74 7.99
CA CYS A 80 -11.25 -7.64 6.87
C CYS A 80 -12.20 -8.80 6.65
N GLY A 81 -12.55 -9.05 5.38
CA GLY A 81 -13.39 -10.18 5.06
C GLY A 81 -12.76 -11.53 5.38
N LEU A 82 -11.47 -11.62 5.52
CA LEU A 82 -10.83 -12.93 5.84
C LEU A 82 -10.77 -13.19 7.35
N ARG A 83 -11.29 -12.28 8.18
CA ARG A 83 -11.22 -12.49 9.61
C ARG A 83 -11.79 -13.87 9.96
N ARG A 84 -11.21 -14.50 10.98
CA ARG A 84 -11.61 -15.89 11.27
C ARG A 84 -13.09 -16.02 11.59
N ASP A 85 -13.72 -15.02 12.20
CA ASP A 85 -15.13 -15.15 12.55
C ASP A 85 -16.06 -15.11 11.33
N ASN A 86 -15.58 -14.76 10.16
CA ASN A 86 -16.49 -14.72 8.99
C ASN A 86 -16.63 -16.16 8.46
N LYS A 87 -17.70 -16.86 8.86
CA LYS A 87 -17.99 -18.21 8.36
C LYS A 87 -18.67 -18.19 7.01
N ASN A 88 -19.03 -17.04 6.43
CA ASN A 88 -19.74 -16.93 5.13
C ASN A 88 -18.76 -16.82 3.95
N LEU A 89 -17.64 -17.51 4.00
CA LEU A 89 -16.65 -17.40 2.94
C LEU A 89 -16.05 -18.80 2.77
N LYS A 90 -15.91 -19.27 1.53
CA LYS A 90 -15.24 -20.56 1.33
C LYS A 90 -13.74 -20.32 1.42
N ARG A 91 -13.04 -21.15 2.19
CA ARG A 91 -11.62 -21.00 2.40
C ARG A 91 -10.84 -21.92 1.48
N TYR A 92 -9.61 -21.51 1.14
CA TYR A 92 -8.79 -22.28 0.19
C TYR A 92 -7.34 -22.14 0.59
N ARG A 93 -6.53 -23.13 0.12
CA ARG A 93 -5.06 -23.09 0.15
C ARG A 93 -4.56 -23.61 -1.15
N MET A 94 -3.57 -22.89 -1.74
CA MET A 94 -2.89 -23.45 -2.93
C MET A 94 -1.70 -24.34 -2.55
N THR A 95 -1.46 -25.36 -3.36
CA THR A 95 -0.26 -26.18 -3.13
C THR A 95 1.01 -25.41 -3.50
N PRO A 96 2.16 -25.81 -2.98
CA PRO A 96 3.42 -25.12 -3.38
C PRO A 96 3.65 -25.24 -4.87
N GLU A 97 3.38 -26.41 -5.47
CA GLU A 97 3.58 -26.51 -6.91
C GLU A 97 2.66 -25.56 -7.68
N GLU A 98 1.39 -25.42 -7.29
CA GLU A 98 0.53 -24.44 -7.96
C GLU A 98 1.16 -23.04 -7.86
N ILE A 99 1.62 -22.65 -6.67
CA ILE A 99 2.15 -21.28 -6.46
C ILE A 99 3.37 -21.09 -7.34
N VAL A 100 4.31 -22.04 -7.28
CA VAL A 100 5.57 -21.87 -8.03
C VAL A 100 5.30 -21.82 -9.52
N GLU A 101 4.43 -22.67 -10.03
CA GLU A 101 4.17 -22.65 -11.47
C GLU A 101 3.42 -21.39 -11.88
N ARG A 102 2.50 -20.91 -11.03
CA ARG A 102 1.83 -19.66 -11.34
C ARG A 102 2.83 -18.49 -11.34
N ALA A 103 3.76 -18.47 -10.41
CA ALA A 103 4.83 -17.47 -10.43
C ALA A 103 5.66 -17.57 -11.70
N ARG A 104 6.04 -18.80 -12.11
CA ARG A 104 6.80 -18.92 -13.37
C ARG A 104 6.05 -18.35 -14.55
N LEU A 105 4.71 -18.53 -14.56
CA LEU A 105 3.98 -17.95 -15.70
C LEU A 105 4.02 -16.39 -15.66
N ALA A 106 3.90 -15.79 -14.46
CA ALA A 106 4.00 -14.34 -14.41
C ALA A 106 5.37 -13.84 -14.85
N VAL A 107 6.43 -14.57 -14.47
CA VAL A 107 7.78 -14.19 -14.90
C VAL A 107 7.86 -14.25 -16.42
N GLN A 108 7.30 -15.30 -17.02
CA GLN A 108 7.33 -15.40 -18.50
C GLN A 108 6.55 -14.28 -19.17
N PHE A 109 5.49 -13.76 -18.52
CA PHE A 109 4.71 -12.63 -19.04
C PHE A 109 5.38 -11.31 -18.75
N GLY A 110 6.54 -11.32 -18.06
CA GLY A 110 7.39 -10.15 -17.89
C GLY A 110 7.43 -9.55 -16.51
N ALA A 111 6.76 -10.12 -15.49
CA ALA A 111 6.79 -9.53 -14.15
C ALA A 111 8.21 -9.71 -13.58
N LYS A 112 8.73 -8.62 -13.00
CA LYS A 112 10.09 -8.67 -12.48
C LYS A 112 10.10 -8.80 -10.94
N THR A 113 8.92 -8.75 -10.32
CA THR A 113 8.73 -9.03 -8.90
C THR A 113 7.50 -9.90 -8.77
N ILE A 114 7.59 -10.92 -7.90
CA ILE A 114 6.46 -11.71 -7.47
C ILE A 114 6.16 -11.37 -6.03
N VAL A 115 4.88 -11.03 -5.74
CA VAL A 115 4.43 -10.77 -4.35
C VAL A 115 3.62 -12.00 -3.94
N LEU A 116 3.96 -12.60 -2.79
CA LEU A 116 3.18 -13.68 -2.20
C LEU A 116 2.47 -13.11 -0.98
N GLN A 117 1.15 -13.14 -0.98
CA GLN A 117 0.34 -12.59 0.11
C GLN A 117 -0.69 -13.62 0.54
N SER A 118 -1.02 -13.65 1.83
CA SER A 118 -1.97 -14.60 2.37
C SER A 118 -2.58 -14.02 3.64
N GLY A 119 -3.70 -14.63 4.06
CA GLY A 119 -4.05 -14.58 5.51
C GLY A 119 -2.89 -15.12 6.34
N GLU A 120 -2.93 -14.90 7.67
CA GLU A 120 -1.94 -15.52 8.55
C GLU A 120 -2.32 -16.99 8.73
N ASP A 121 -1.84 -17.84 7.81
CA ASP A 121 -2.21 -19.25 7.71
C ASP A 121 -1.05 -20.10 8.24
N PRO A 122 -1.18 -20.71 9.43
CA PRO A 122 -0.08 -21.45 10.02
C PRO A 122 0.36 -22.66 9.21
N TYR A 123 -0.46 -23.17 8.25
CA TYR A 123 -0.05 -24.36 7.48
C TYR A 123 1.33 -24.18 6.85
N TYR A 124 1.63 -22.96 6.35
CA TYR A 124 2.80 -22.76 5.51
C TYR A 124 4.04 -22.40 6.30
N MET A 125 3.91 -22.12 7.62
CA MET A 125 4.92 -21.28 8.25
C MET A 125 5.83 -22.12 9.16
N PRO A 126 7.17 -22.06 9.10
CA PRO A 126 7.91 -21.24 8.12
C PRO A 126 8.36 -22.01 6.86
N ASP A 127 8.42 -23.36 6.92
CA ASP A 127 9.26 -24.10 5.96
C ASP A 127 8.65 -24.20 4.58
N VAL A 128 7.31 -24.19 4.43
CA VAL A 128 6.74 -24.29 3.10
C VAL A 128 7.02 -22.98 2.36
N ILE A 129 6.88 -21.84 3.06
CA ILE A 129 7.23 -20.55 2.43
C ILE A 129 8.70 -20.59 1.98
N SER A 130 9.61 -21.02 2.84
CA SER A 130 11.02 -20.99 2.43
C SER A 130 11.26 -21.75 1.12
N ASP A 131 10.62 -22.93 0.98
CA ASP A 131 10.84 -23.72 -0.22
CA ASP A 131 10.91 -23.69 -0.23
C ASP A 131 10.32 -23.02 -1.46
N ILE A 132 9.15 -22.41 -1.34
CA ILE A 132 8.53 -21.67 -2.43
C ILE A 132 9.41 -20.51 -2.84
N VAL A 133 9.85 -19.74 -1.85
CA VAL A 133 10.71 -18.59 -2.15
C VAL A 133 11.99 -19.05 -2.88
N LYS A 134 12.66 -20.13 -2.43
CA LYS A 134 13.89 -20.58 -3.10
C LYS A 134 13.61 -20.92 -4.56
N GLU A 135 12.45 -21.54 -4.81
CA GLU A 135 12.17 -21.90 -6.20
C GLU A 135 11.94 -20.67 -7.05
N ILE A 136 11.22 -19.67 -6.54
CA ILE A 136 10.93 -18.47 -7.33
C ILE A 136 12.22 -17.67 -7.56
N LYS A 137 13.12 -17.66 -6.60
CA LYS A 137 14.35 -16.90 -6.77
C LYS A 137 15.20 -17.47 -7.91
N LYS A 138 15.09 -18.77 -8.18
CA LYS A 138 15.84 -19.35 -9.33
C LYS A 138 15.36 -18.81 -10.66
N MET A 139 14.21 -18.11 -10.69
CA MET A 139 13.65 -17.57 -11.97
C MET A 139 14.24 -16.22 -12.30
N GLY A 140 15.08 -15.64 -11.44
CA GLY A 140 15.76 -14.38 -11.80
C GLY A 140 14.98 -13.11 -11.47
N VAL A 141 14.03 -13.17 -10.52
CA VAL A 141 13.18 -12.06 -10.18
C VAL A 141 13.30 -11.73 -8.70
N ALA A 142 12.74 -10.56 -8.30
CA ALA A 142 12.59 -10.22 -6.91
C ALA A 142 11.36 -10.90 -6.28
N VAL A 143 11.45 -11.20 -4.98
CA VAL A 143 10.32 -11.77 -4.22
C VAL A 143 9.96 -10.86 -3.06
N THR A 144 8.69 -10.52 -2.97
CA THR A 144 8.11 -9.73 -1.85
C THR A 144 7.12 -10.63 -1.11
N LEU A 145 7.28 -10.70 0.22
CA LEU A 145 6.32 -11.42 1.06
C LEU A 145 5.38 -10.49 1.77
N SER A 146 4.14 -10.92 2.00
CA SER A 146 3.15 -10.13 2.73
C SER A 146 2.24 -11.14 3.48
N LEU A 147 2.80 -11.66 4.57
CA LEU A 147 2.22 -12.79 5.28
C LEU A 147 1.76 -12.45 6.71
N GLY A 148 1.88 -11.21 7.11
CA GLY A 148 1.50 -10.78 8.47
C GLY A 148 2.61 -10.86 9.46
N GLU A 149 2.18 -10.96 10.76
CA GLU A 149 3.06 -10.90 11.93
C GLU A 149 3.51 -12.31 12.38
N TRP A 150 4.81 -12.58 12.34
CA TRP A 150 5.40 -13.86 12.71
C TRP A 150 6.68 -13.64 13.50
N PRO A 151 7.20 -14.68 14.15
CA PRO A 151 8.42 -14.49 14.94
C PRO A 151 9.63 -14.12 14.10
N ARG A 152 10.56 -13.46 14.76
CA ARG A 152 11.82 -13.12 14.11
CA ARG A 152 11.82 -13.12 14.11
C ARG A 152 12.45 -14.31 13.40
N GLU A 153 12.44 -15.50 14.03
CA GLU A 153 13.06 -16.65 13.41
CA GLU A 153 13.05 -16.69 13.42
C GLU A 153 12.46 -17.00 12.04
N TYR A 154 11.14 -16.78 11.86
CA TYR A 154 10.52 -17.05 10.55
C TYR A 154 11.00 -16.02 9.53
N TYR A 155 11.00 -14.74 9.90
CA TYR A 155 11.48 -13.69 8.97
C TYR A 155 12.94 -13.97 8.59
N GLU A 156 13.76 -14.44 9.54
CA GLU A 156 15.15 -14.77 9.27
CA GLU A 156 15.14 -14.73 9.22
C GLU A 156 15.25 -15.92 8.26
N LYS A 157 14.46 -16.98 8.48
CA LYS A 157 14.50 -18.08 7.52
C LYS A 157 14.12 -17.63 6.13
N TRP A 158 13.11 -16.77 6.03
CA TRP A 158 12.66 -16.34 4.70
C TRP A 158 13.69 -15.44 4.02
N LYS A 159 14.42 -14.65 4.80
CA LYS A 159 15.46 -13.83 4.19
C LYS A 159 16.57 -14.75 3.67
N GLU A 160 16.98 -15.76 4.46
CA GLU A 160 18.00 -16.70 4.00
CA GLU A 160 18.01 -16.70 4.01
C GLU A 160 17.54 -17.45 2.77
N ALA A 161 16.22 -17.70 2.66
CA ALA A 161 15.69 -18.41 1.46
C ALA A 161 15.71 -17.48 0.24
N GLY A 162 15.92 -16.18 0.45
CA GLY A 162 16.15 -15.29 -0.72
C GLY A 162 15.10 -14.17 -0.82
N ALA A 163 14.13 -14.03 0.10
CA ALA A 163 13.13 -12.98 -0.05
C ALA A 163 13.81 -11.62 0.02
N ASP A 164 13.34 -10.70 -0.85
CA ASP A 164 13.89 -9.34 -1.00
C ASP A 164 13.16 -8.30 -0.18
N ARG A 165 11.84 -8.41 -0.10
CA ARG A 165 11.04 -7.28 0.43
C ARG A 165 9.92 -7.87 1.28
N TYR A 166 9.37 -7.03 2.17
CA TYR A 166 8.24 -7.51 2.98
C TYR A 166 7.27 -6.35 3.10
N LEU A 167 5.99 -6.57 2.79
CA LEU A 167 4.93 -5.56 2.90
C LEU A 167 4.05 -5.88 4.13
N LEU A 168 4.12 -5.03 5.11
CA LEU A 168 3.40 -5.16 6.37
C LEU A 168 2.76 -3.78 6.65
N ARG A 169 1.63 -3.52 6.01
CA ARG A 169 1.00 -2.20 6.17
C ARG A 169 0.73 -1.94 7.63
N HIS A 170 1.05 -0.71 8.12
CA HIS A 170 0.87 -0.44 9.56
C HIS A 170 -0.60 -0.19 9.96
N GLU A 171 -1.48 0.02 8.97
CA GLU A 171 -2.93 0.12 9.10
C GLU A 171 -3.38 1.46 9.71
N THR A 172 -2.95 1.70 10.95
CA THR A 172 -3.20 2.96 11.69
C THR A 172 -2.11 3.08 12.75
N ALA A 173 -1.55 4.30 12.84
CA ALA A 173 -0.53 4.59 13.84
C ALA A 173 -1.14 4.98 15.18
N ASN A 174 -2.46 5.07 15.28
CA ASN A 174 -3.06 5.39 16.58
C ASN A 174 -3.13 4.10 17.39
N PRO A 175 -2.42 3.98 18.53
CA PRO A 175 -2.37 2.64 19.18
CA PRO A 175 -2.38 2.65 19.16
C PRO A 175 -3.68 2.26 19.78
N VAL A 176 -4.49 3.20 20.22
CA VAL A 176 -5.79 2.86 20.83
C VAL A 176 -6.74 2.33 19.75
N LEU A 177 -6.83 3.04 18.59
CA LEU A 177 -7.67 2.51 17.49
C LEU A 177 -7.11 1.20 16.92
N HIS A 178 -5.79 1.08 16.84
CA HIS A 178 -5.18 -0.14 16.28
C HIS A 178 -5.64 -1.36 17.07
N ARG A 179 -5.61 -1.28 18.42
CA ARG A 179 -6.01 -2.43 19.23
C ARG A 179 -7.52 -2.68 19.11
N LYS A 180 -8.36 -1.63 18.97
CA LYS A 180 -9.79 -1.85 18.82
CA LYS A 180 -9.80 -1.81 18.79
C LYS A 180 -10.11 -2.54 17.51
N LEU A 181 -9.38 -2.21 16.44
CA LEU A 181 -9.67 -2.80 15.12
C LEU A 181 -8.95 -4.12 14.87
N ARG A 182 -7.90 -4.40 15.65
CA ARG A 182 -7.04 -5.58 15.46
C ARG A 182 -6.88 -6.25 16.83
N PRO A 183 -7.95 -6.91 17.31
CA PRO A 183 -8.04 -7.27 18.73
C PRO A 183 -7.07 -8.36 19.13
N ASP A 184 -6.40 -9.03 18.20
CA ASP A 184 -5.39 -10.04 18.49
C ASP A 184 -4.03 -9.47 18.79
N THR A 185 -3.80 -8.19 18.52
CA THR A 185 -2.43 -7.72 18.49
C THR A 185 -2.40 -6.24 18.86
N SER A 186 -1.39 -5.52 18.39
CA SER A 186 -1.19 -4.14 18.87
C SER A 186 -0.31 -3.41 17.89
N PHE A 187 -0.38 -2.05 17.92
CA PHE A 187 0.55 -1.29 17.07
C PHE A 187 2.01 -1.55 17.48
N GLU A 188 2.28 -1.74 18.80
CA GLU A 188 3.64 -2.03 19.21
C GLU A 188 4.14 -3.32 18.54
N ASN A 189 3.31 -4.39 18.49
CA ASN A 189 3.69 -5.63 17.79
CA ASN A 189 3.81 -5.59 17.82
C ASN A 189 4.00 -5.35 16.33
N ARG A 190 3.11 -4.60 15.68
CA ARG A 190 3.23 -4.35 14.23
C ARG A 190 4.53 -3.59 13.94
N LEU A 191 4.83 -2.55 14.75
CA LEU A 191 6.05 -1.79 14.61
C LEU A 191 7.26 -2.67 14.90
N ASN A 192 7.19 -3.53 15.95
CA ASN A 192 8.36 -4.39 16.20
CA ASN A 192 8.35 -4.39 16.20
C ASN A 192 8.64 -5.32 15.03
N CYS A 193 7.60 -5.81 14.36
CA CYS A 193 7.80 -6.63 13.16
C CYS A 193 8.50 -5.82 12.07
N LEU A 194 7.98 -4.60 11.79
CA LEU A 194 8.63 -3.78 10.77
C LEU A 194 10.10 -3.49 11.13
N LEU A 195 10.42 -3.22 12.39
CA LEU A 195 11.81 -2.96 12.79
C LEU A 195 12.67 -4.19 12.61
N THR A 196 12.11 -5.38 12.96
CA THR A 196 12.86 -6.63 12.79
C THR A 196 13.15 -6.91 11.28
N LEU A 197 12.13 -6.70 10.44
CA LEU A 197 12.30 -6.91 8.98
C LEU A 197 13.40 -6.00 8.43
N LYS A 198 13.43 -4.72 8.84
CA LYS A 198 14.47 -3.81 8.35
C LYS A 198 15.85 -4.23 8.85
N GLU A 199 15.95 -4.64 10.13
CA GLU A 199 17.24 -5.04 10.71
C GLU A 199 17.77 -6.26 9.97
N LEU A 200 16.87 -7.16 9.52
CA LEU A 200 17.29 -8.35 8.75
C LEU A 200 17.66 -8.03 7.29
N GLY A 201 17.48 -6.79 6.82
CA GLY A 201 17.88 -6.39 5.48
C GLY A 201 16.78 -6.44 4.44
N TYR A 202 15.53 -6.70 4.81
CA TYR A 202 14.50 -6.55 3.81
C TYR A 202 14.27 -5.09 3.42
N GLU A 203 13.89 -4.86 2.16
CA GLU A 203 13.17 -3.63 1.84
CA GLU A 203 13.17 -3.65 1.82
C GLU A 203 11.80 -3.74 2.45
N THR A 204 11.35 -2.70 3.15
N THR A 204 11.42 -2.75 3.27
CA THR A 204 10.19 -2.84 4.02
CA THR A 204 10.15 -2.86 3.97
C THR A 204 9.10 -1.86 3.62
C THR A 204 9.10 -1.89 3.49
N GLY A 205 7.86 -2.35 3.55
CA GLY A 205 6.70 -1.56 3.16
C GLY A 205 5.75 -1.41 4.36
N ALA A 206 5.29 -0.19 4.64
CA ALA A 206 4.23 0.08 5.59
C ALA A 206 3.08 0.74 4.85
N GLY A 207 2.26 1.57 5.55
CA GLY A 207 1.13 2.18 4.86
C GLY A 207 -0.18 1.94 5.61
N SER A 208 -1.12 2.84 5.46
CA SER A 208 -2.36 2.81 6.27
C SER A 208 -3.59 2.72 5.36
N MET A 209 -4.74 2.46 6.00
CA MET A 209 -6.04 2.65 5.39
C MET A 209 -6.52 4.05 5.73
N VAL A 210 -7.22 4.65 4.82
CA VAL A 210 -7.80 6.00 5.01
C VAL A 210 -9.30 5.88 5.12
N GLY A 211 -9.87 6.54 6.17
CA GLY A 211 -11.28 6.46 6.36
C GLY A 211 -11.79 5.38 7.31
N LEU A 212 -10.91 4.78 8.14
CA LEU A 212 -11.33 3.75 9.12
C LEU A 212 -12.28 4.40 10.11
N PRO A 213 -13.18 3.65 10.71
CA PRO A 213 -14.09 4.18 11.71
CA PRO A 213 -14.08 4.26 11.68
C PRO A 213 -13.28 4.66 12.92
N GLY A 214 -13.58 5.85 13.41
CA GLY A 214 -12.85 6.43 14.52
C GLY A 214 -11.59 7.17 14.17
N GLN A 215 -11.12 7.11 12.93
CA GLN A 215 -9.91 7.79 12.54
C GLN A 215 -10.18 9.25 12.13
N THR A 216 -9.40 10.16 12.66
CA THR A 216 -9.60 11.61 12.40
C THR A 216 -8.46 12.13 11.50
N ILE A 217 -8.55 13.41 11.13
CA ILE A 217 -7.47 14.03 10.32
C ILE A 217 -6.19 14.06 11.12
N ASP A 218 -6.27 14.30 12.44
CA ASP A 218 -5.06 14.24 13.24
C ASP A 218 -4.39 12.86 13.19
N ASP A 219 -5.20 11.79 13.15
CA ASP A 219 -4.64 10.44 13.03
C ASP A 219 -3.95 10.30 11.66
N LEU A 220 -4.56 10.81 10.58
CA LEU A 220 -3.90 10.72 9.26
C LEU A 220 -2.56 11.48 9.27
N VAL A 221 -2.51 12.67 9.93
CA VAL A 221 -1.22 13.35 10.09
C VAL A 221 -0.21 12.48 10.81
N ASP A 222 -0.64 11.79 11.88
CA ASP A 222 0.30 10.91 12.57
C ASP A 222 0.76 9.75 11.67
N ASP A 223 -0.12 9.23 10.78
CA ASP A 223 0.33 8.21 9.81
C ASP A 223 1.45 8.78 8.90
N LEU A 224 1.23 10.02 8.35
CA LEU A 224 2.27 10.62 7.49
C LEU A 224 3.57 10.79 8.23
N LEU A 225 3.51 11.26 9.50
CA LEU A 225 4.73 11.50 10.25
C LEU A 225 5.44 10.20 10.62
N PHE A 226 4.66 9.12 10.86
CA PHE A 226 5.25 7.81 11.15
C PHE A 226 5.98 7.30 9.89
N LEU A 227 5.37 7.48 8.71
CA LEU A 227 6.01 7.06 7.46
C LEU A 227 7.28 7.83 7.26
N LYS A 228 7.25 9.16 7.46
CA LYS A 228 8.45 9.97 7.30
C LYS A 228 9.55 9.54 8.28
N GLU A 229 9.19 9.29 9.54
CA GLU A 229 10.16 8.94 10.60
C GLU A 229 11.02 7.76 10.16
N HIS A 230 10.37 6.75 9.57
CA HIS A 230 11.07 5.49 9.21
C HIS A 230 11.60 5.47 7.80
N ASP A 231 11.30 6.46 6.97
CA ASP A 231 11.89 6.48 5.61
C ASP A 231 11.63 5.13 4.90
N PHE A 232 10.40 4.66 4.97
CA PHE A 232 10.10 3.31 4.41
C PHE A 232 10.44 3.23 2.90
N ASP A 233 10.88 2.03 2.50
CA ASP A 233 11.17 1.79 1.04
C ASP A 233 9.91 1.77 0.20
N MET A 234 8.82 1.28 0.77
CA MET A 234 7.53 1.17 0.09
CA MET A 234 7.54 1.16 0.09
CA MET A 234 7.55 1.11 0.10
CA MET A 234 7.54 1.15 0.09
C MET A 234 6.43 1.62 1.02
N VAL A 235 5.39 2.19 0.44
CA VAL A 235 4.22 2.65 1.20
C VAL A 235 2.96 2.30 0.45
N GLY A 236 2.10 1.43 1.04
CA GLY A 236 0.82 1.00 0.46
C GLY A 236 -0.33 1.71 1.14
N ILE A 237 -1.04 2.57 0.42
CA ILE A 237 -2.14 3.37 0.99
C ILE A 237 -3.37 3.08 0.16
N GLY A 238 -4.51 2.98 0.82
CA GLY A 238 -5.76 2.81 0.15
C GLY A 238 -6.93 3.21 1.06
N PRO A 239 -8.13 3.33 0.53
CA PRO A 239 -9.28 3.61 1.34
C PRO A 239 -9.73 2.35 2.07
N PHE A 240 -10.33 2.54 3.25
CA PHE A 240 -11.13 1.49 3.92
C PHE A 240 -12.40 1.24 3.13
N ILE A 241 -12.66 -0.01 2.79
CA ILE A 241 -13.87 -0.41 2.06
C ILE A 241 -14.70 -1.32 2.95
N PRO A 242 -15.85 -0.92 3.49
CA PRO A 242 -16.58 -1.79 4.42
C PRO A 242 -17.00 -3.10 3.77
N HIS A 243 -16.89 -4.20 4.57
CA HIS A 243 -17.27 -5.52 4.10
C HIS A 243 -18.53 -5.98 4.82
N PRO A 244 -19.55 -6.47 4.11
CA PRO A 244 -20.83 -6.75 4.77
C PRO A 244 -20.79 -7.86 5.80
N ASP A 245 -19.81 -8.78 5.77
CA ASP A 245 -19.75 -9.89 6.70
C ASP A 245 -18.73 -9.61 7.78
N THR A 246 -18.62 -8.32 8.22
CA THR A 246 -17.72 -7.91 9.29
C THR A 246 -18.47 -6.97 10.22
N PRO A 247 -17.91 -6.67 11.41
CA PRO A 247 -18.57 -5.73 12.32
C PRO A 247 -18.63 -4.32 11.78
N LEU A 248 -17.81 -3.99 10.81
CA LEU A 248 -17.75 -2.62 10.25
C LEU A 248 -18.63 -2.44 8.99
N ALA A 249 -19.51 -3.41 8.74
CA ALA A 249 -20.33 -3.41 7.54
C ALA A 249 -21.03 -2.07 7.27
N ASN A 250 -21.56 -1.40 8.30
CA ASN A 250 -22.39 -0.23 8.07
CA ASN A 250 -22.41 -0.23 8.10
C ASN A 250 -21.66 1.09 8.23
N GLU A 251 -20.34 1.07 8.37
CA GLU A 251 -19.55 2.26 8.56
C GLU A 251 -19.32 2.99 7.25
N LYS A 252 -18.88 4.27 7.33
CA LYS A 252 -18.62 5.03 6.11
C LYS A 252 -17.42 4.40 5.38
N LYS A 253 -17.50 4.47 4.04
CA LYS A 253 -16.36 4.11 3.19
C LYS A 253 -15.29 5.23 3.22
N GLY A 254 -14.01 4.86 3.06
CA GLY A 254 -12.98 5.87 2.93
C GLY A 254 -13.17 6.71 1.66
N ASP A 255 -12.82 7.96 1.77
CA ASP A 255 -13.01 8.92 0.64
C ASP A 255 -11.85 8.88 -0.33
N PHE A 256 -12.19 8.78 -1.61
CA PHE A 256 -11.12 8.70 -2.64
C PHE A 256 -10.20 9.92 -2.64
N THR A 257 -10.79 11.11 -2.66
CA THR A 257 -9.94 12.32 -2.75
C THR A 257 -9.02 12.42 -1.55
N LEU A 258 -9.53 12.15 -0.34
CA LEU A 258 -8.66 12.24 0.83
C LEU A 258 -7.52 11.24 0.70
N THR A 259 -7.84 10.01 0.18
CA THR A 259 -6.80 8.99 0.06
C THR A 259 -5.76 9.41 -0.98
N LEU A 260 -6.22 10.00 -2.08
CA LEU A 260 -5.28 10.53 -3.10
CA LEU A 260 -5.27 10.48 -3.09
C LEU A 260 -4.37 11.58 -2.50
N LYS A 261 -4.91 12.45 -1.63
CA LYS A 261 -4.05 13.44 -1.00
C LYS A 261 -3.02 12.82 -0.07
N MET A 262 -3.40 11.72 0.62
CA MET A 262 -2.42 10.94 1.38
C MET A 262 -1.30 10.36 0.52
N VAL A 263 -1.64 9.82 -0.65
CA VAL A 263 -0.61 9.32 -1.58
C VAL A 263 0.29 10.46 -2.01
N ALA A 264 -0.31 11.63 -2.36
CA ALA A 264 0.48 12.76 -2.84
C ALA A 264 1.40 13.28 -1.76
N LEU A 265 0.89 13.38 -0.52
CA LEU A 265 1.74 13.85 0.57
C LEU A 265 2.85 12.84 0.87
N THR A 266 2.52 11.55 0.79
CA THR A 266 3.57 10.55 1.01
C THR A 266 4.71 10.66 -0.02
N ARG A 267 4.38 10.88 -1.30
CA ARG A 267 5.44 11.12 -2.30
C ARG A 267 6.24 12.37 -1.97
N ILE A 268 5.58 13.47 -1.60
CA ILE A 268 6.31 14.67 -1.25
C ILE A 268 7.23 14.44 -0.04
N LEU A 269 6.77 13.71 0.98
CA LEU A 269 7.56 13.47 2.17
C LEU A 269 8.72 12.48 1.90
N LEU A 270 8.51 11.48 1.01
CA LEU A 270 9.44 10.36 0.76
C LEU A 270 9.68 10.33 -0.75
N PRO A 271 10.49 11.24 -1.30
CA PRO A 271 10.54 11.42 -2.77
C PRO A 271 11.00 10.20 -3.58
N ASP A 272 11.84 9.37 -3.00
CA ASP A 272 12.31 8.21 -3.79
C ASP A 272 11.71 6.89 -3.37
N SER A 273 10.62 6.89 -2.57
CA SER A 273 9.96 5.66 -2.16
CA SER A 273 9.97 5.65 -2.16
C SER A 273 9.18 5.05 -3.31
N ASN A 274 8.92 3.75 -3.19
CA ASN A 274 8.00 3.06 -4.10
C ASN A 274 6.58 3.07 -3.54
N ILE A 275 5.63 3.59 -4.29
CA ILE A 275 4.24 3.85 -3.84
C ILE A 275 3.31 3.21 -4.83
N PRO A 276 2.66 2.10 -4.49
CA PRO A 276 1.65 1.53 -5.43
C PRO A 276 0.41 2.38 -5.57
N ALA A 277 -0.21 2.31 -6.72
CA ALA A 277 -1.59 2.66 -6.96
C ALA A 277 -2.37 1.41 -6.61
N THR A 278 -2.91 1.34 -5.37
CA THR A 278 -3.40 0.06 -4.85
C THR A 278 -4.71 -0.40 -5.48
N THR A 279 -4.91 -1.73 -5.32
N THR A 279 -4.95 -1.72 -5.34
CA THR A 279 -6.14 -2.39 -5.72
CA THR A 279 -6.18 -2.25 -5.88
C THR A 279 -7.34 -1.59 -5.20
C THR A 279 -7.41 -1.63 -5.18
N ALA A 280 -7.31 -1.21 -3.92
CA ALA A 280 -8.49 -0.53 -3.33
C ALA A 280 -8.85 0.79 -4.01
N MET A 281 -7.82 1.53 -4.52
CA MET A 281 -8.08 2.75 -5.29
C MET A 281 -8.78 2.44 -6.59
N GLY A 282 -8.42 1.30 -7.21
CA GLY A 282 -9.11 0.88 -8.43
C GLY A 282 -10.51 0.34 -8.19
N THR A 283 -10.79 -0.07 -6.96
CA THR A 283 -12.10 -0.60 -6.59
C THR A 283 -13.09 0.54 -6.37
N ILE A 284 -12.63 1.62 -5.70
CA ILE A 284 -13.57 2.65 -5.30
C ILE A 284 -14.00 3.57 -6.41
N VAL A 285 -13.17 3.86 -7.40
CA VAL A 285 -13.47 4.77 -8.52
C VAL A 285 -13.02 4.12 -9.82
N PRO A 286 -13.85 4.10 -10.86
CA PRO A 286 -13.39 3.55 -12.15
C PRO A 286 -12.19 4.33 -12.67
N GLY A 287 -11.11 3.61 -13.00
CA GLY A 287 -9.87 4.32 -13.37
C GLY A 287 -9.08 4.86 -12.19
N GLY A 288 -9.40 4.41 -10.98
CA GLY A 288 -8.77 4.94 -9.77
C GLY A 288 -7.26 4.74 -9.74
N ARG A 289 -6.75 3.58 -10.22
CA ARG A 289 -5.28 3.41 -10.19
C ARG A 289 -4.59 4.31 -11.20
N GLU A 290 -5.19 4.47 -12.41
CA GLU A 290 -4.63 5.40 -13.38
CA GLU A 290 -4.64 5.40 -13.39
C GLU A 290 -4.54 6.83 -12.83
N ILE A 291 -5.59 7.30 -12.15
CA ILE A 291 -5.57 8.61 -11.53
C ILE A 291 -4.41 8.66 -10.53
N THR A 292 -4.31 7.63 -9.64
CA THR A 292 -3.32 7.66 -8.56
C THR A 292 -1.91 7.72 -9.13
N LEU A 293 -1.66 7.03 -10.27
CA LEU A 293 -0.37 7.08 -10.92
C LEU A 293 0.02 8.50 -11.44
N ARG A 294 -0.96 9.43 -11.54
CA ARG A 294 -0.64 10.80 -11.93
C ARG A 294 -0.52 11.70 -10.71
N CYS A 295 -0.64 11.17 -9.47
CA CYS A 295 -0.66 11.94 -8.22
C CYS A 295 0.41 11.46 -7.27
N GLY A 296 1.45 10.82 -7.83
CA GLY A 296 2.65 10.45 -7.09
C GLY A 296 2.99 8.95 -7.02
N ALA A 297 2.06 8.06 -7.40
CA ALA A 297 2.39 6.62 -7.35
C ALA A 297 3.24 6.22 -8.57
N ASN A 298 3.99 5.11 -8.38
CA ASN A 298 4.91 4.65 -9.44
C ASN A 298 4.96 3.13 -9.50
N VAL A 299 4.03 2.39 -8.87
CA VAL A 299 4.02 0.92 -8.85
C VAL A 299 2.59 0.48 -9.11
N ILE A 300 2.44 -0.69 -9.76
CA ILE A 300 1.12 -1.28 -9.92
C ILE A 300 1.25 -2.76 -9.63
N ILE A 301 0.19 -3.37 -9.06
CA ILE A 301 0.25 -4.77 -8.56
C ILE A 301 -0.88 -5.55 -9.18
N PRO A 302 -0.72 -6.02 -10.43
CA PRO A 302 -1.81 -6.82 -11.05
C PRO A 302 -2.06 -8.09 -10.29
N ASN A 303 -3.35 -8.41 -10.19
CA ASN A 303 -3.79 -9.63 -9.49
C ASN A 303 -3.46 -10.86 -10.37
N TRP A 304 -2.59 -11.72 -9.86
CA TRP A 304 -2.22 -12.94 -10.57
C TRP A 304 -2.68 -14.16 -9.82
N THR A 305 -3.66 -14.05 -8.97
CA THR A 305 -4.20 -15.24 -8.29
C THR A 305 -5.06 -16.01 -9.29
N PRO A 306 -4.88 -17.33 -9.44
CA PRO A 306 -5.64 -18.06 -10.47
C PRO A 306 -7.04 -18.40 -9.99
N SER A 307 -7.98 -18.54 -10.95
CA SER A 307 -9.25 -19.22 -10.66
C SER A 307 -8.96 -20.66 -10.23
N PRO A 308 -9.76 -21.25 -9.33
CA PRO A 308 -11.00 -20.70 -8.76
C PRO A 308 -10.78 -19.94 -7.44
N TYR A 309 -9.54 -19.70 -7.07
CA TYR A 309 -9.21 -19.06 -5.78
C TYR A 309 -9.41 -17.58 -5.78
N ARG A 310 -9.07 -16.94 -6.91
CA ARG A 310 -9.00 -15.48 -6.90
CA ARG A 310 -9.02 -15.49 -7.02
C ARG A 310 -10.28 -14.84 -6.42
N GLN A 311 -11.45 -15.38 -6.81
CA GLN A 311 -12.69 -14.75 -6.39
C GLN A 311 -13.01 -14.95 -4.87
N LEU A 312 -12.27 -15.82 -4.18
CA LEU A 312 -12.49 -16.07 -2.75
C LEU A 312 -11.56 -15.20 -1.86
N TYR A 313 -10.68 -14.43 -2.44
CA TYR A 313 -9.76 -13.62 -1.60
C TYR A 313 -10.41 -12.26 -1.32
N GLN A 314 -11.50 -12.34 -0.56
CA GLN A 314 -12.49 -11.26 -0.49
C GLN A 314 -12.21 -10.36 0.72
N LEU A 315 -11.09 -9.58 0.61
CA LEU A 315 -10.74 -8.64 1.69
C LEU A 315 -11.85 -7.62 1.88
N TYR A 316 -12.44 -7.16 0.77
CA TYR A 316 -13.49 -6.16 0.72
C TYR A 316 -14.31 -6.39 -0.55
N PRO A 317 -15.53 -5.91 -0.60
CA PRO A 317 -16.38 -6.12 -1.81
C PRO A 317 -15.84 -5.33 -2.99
N GLY A 318 -16.08 -5.92 -4.17
CA GLY A 318 -15.66 -5.29 -5.45
C GLY A 318 -14.20 -5.52 -5.82
N LYS A 319 -13.45 -6.25 -5.01
CA LYS A 319 -12.01 -6.36 -5.22
C LYS A 319 -11.71 -7.09 -6.53
N ILE A 320 -12.48 -8.16 -6.87
CA ILE A 320 -12.13 -9.08 -7.98
C ILE A 320 -13.15 -8.87 -9.08
N SER A 321 -12.71 -8.68 -10.33
CA SER A 321 -13.66 -8.67 -11.46
C SER A 321 -13.82 -10.10 -11.96
N VAL A 322 -15.06 -10.59 -11.99
CA VAL A 322 -15.32 -11.97 -12.40
C VAL A 322 -15.31 -12.09 -13.91
N PHE A 323 -15.26 -10.96 -14.67
CA PHE A 323 -15.46 -11.03 -16.10
C PHE A 323 -14.26 -11.41 -16.97
N GLU A 324 -13.03 -11.29 -16.55
CA GLU A 324 -11.97 -11.67 -17.48
CA GLU A 324 -11.97 -11.67 -17.48
C GLU A 324 -11.11 -12.80 -16.94
N LYS A 325 -10.30 -13.32 -17.83
CA LYS A 325 -9.56 -14.52 -17.56
C LYS A 325 -8.45 -14.23 -16.57
N ASP A 326 -8.00 -15.26 -15.84
CA ASP A 326 -7.07 -14.90 -14.78
C ASP A 326 -5.64 -14.65 -15.30
N THR A 327 -5.40 -14.69 -16.62
CA THR A 327 -4.12 -14.22 -17.16
C THR A 327 -4.18 -12.83 -17.80
N ALA A 328 -5.31 -12.13 -17.71
CA ALA A 328 -5.49 -10.84 -18.35
C ALA A 328 -4.80 -9.70 -17.63
N SER A 329 -4.51 -9.80 -16.32
CA SER A 329 -4.13 -8.58 -15.60
C SER A 329 -2.76 -8.04 -15.99
N ILE A 330 -1.75 -8.91 -16.24
CA ILE A 330 -0.42 -8.38 -16.60
C ILE A 330 -0.47 -7.63 -17.95
N PRO A 331 -1.02 -8.19 -19.00
CA PRO A 331 -1.12 -7.37 -20.24
C PRO A 331 -2.00 -6.15 -20.04
N SER A 332 -3.05 -6.22 -19.22
N SER A 332 -3.03 -6.21 -19.20
CA SER A 332 -3.90 -5.05 -19.04
CA SER A 332 -3.89 -5.04 -19.05
C SER A 332 -3.10 -3.91 -18.43
C SER A 332 -3.14 -3.89 -18.40
N VAL A 333 -2.33 -4.17 -17.36
CA VAL A 333 -1.61 -3.07 -16.73
C VAL A 333 -0.49 -2.59 -17.64
N MET A 334 0.08 -3.44 -18.47
CA MET A 334 1.06 -2.92 -19.44
CA MET A 334 1.04 -2.99 -19.48
C MET A 334 0.40 -1.97 -20.42
N LYS A 335 -0.81 -2.28 -20.90
CA LYS A 335 -1.53 -1.34 -21.77
C LYS A 335 -1.84 -0.04 -21.04
N MET A 336 -2.22 -0.12 -19.77
CA MET A 336 -2.53 1.09 -19.00
CA MET A 336 -2.55 1.11 -19.08
C MET A 336 -1.30 1.98 -18.91
N ILE A 337 -0.15 1.38 -18.63
CA ILE A 337 1.10 2.14 -18.46
C ILE A 337 1.45 2.83 -19.78
N GLU A 338 1.29 2.11 -20.90
CA GLU A 338 1.58 2.71 -22.20
CA GLU A 338 1.54 2.68 -22.23
C GLU A 338 0.69 3.91 -22.45
N LEU A 339 -0.62 3.78 -22.17
CA LEU A 339 -1.55 4.88 -22.44
C LEU A 339 -1.28 6.09 -21.57
N LEU A 340 -0.69 5.89 -20.39
CA LEU A 340 -0.29 7.01 -19.54
C LEU A 340 0.96 7.69 -20.02
N GLY A 341 1.60 7.19 -21.08
CA GLY A 341 2.87 7.78 -21.43
C GLY A 341 4.04 7.32 -20.58
N ARG A 342 3.89 6.26 -19.78
CA ARG A 342 4.94 5.78 -18.91
C ARG A 342 5.55 4.50 -19.51
N LYS A 343 6.47 3.87 -18.82
CA LYS A 343 6.99 2.59 -19.30
C LYS A 343 7.12 1.59 -18.16
N PRO A 344 7.12 0.28 -18.47
CA PRO A 344 7.34 -0.70 -17.38
C PRO A 344 8.78 -0.61 -16.88
N GLY A 345 8.97 -1.05 -15.64
CA GLY A 345 10.32 -1.12 -15.10
C GLY A 345 11.25 -2.00 -15.90
N ARG A 346 12.48 -1.58 -15.95
CA ARG A 346 13.53 -2.29 -16.65
C ARG A 346 14.22 -3.35 -15.81
N ASP A 347 14.32 -3.14 -14.50
CA ASP A 347 15.02 -4.05 -13.60
C ASP A 347 14.01 -4.39 -12.49
N TRP A 348 14.53 -4.80 -11.31
CA TRP A 348 13.58 -5.21 -10.25
C TRP A 348 12.86 -4.05 -9.58
N GLY A 349 13.29 -2.81 -9.81
CA GLY A 349 12.60 -1.70 -9.21
C GLY A 349 12.75 -1.61 -7.71
N GLY A 350 13.91 -1.99 -7.17
CA GLY A 350 14.18 -1.75 -5.76
C GLY A 350 14.29 -0.28 -5.43
N ARG A 351 13.95 0.10 -4.20
CA ARG A 351 14.05 1.51 -3.87
C ARG A 351 15.50 1.97 -3.93
N LYS A 352 15.71 3.18 -4.50
CA LYS A 352 17.03 3.77 -4.59
C LYS A 352 17.10 5.02 -3.74
N ARG A 353 18.30 5.51 -3.50
CA ARG A 353 18.52 6.67 -2.64
C ARG A 353 19.07 7.83 -3.46
N VAL A 354 18.19 8.60 -4.09
CA VAL A 354 18.62 9.67 -5.01
C VAL A 354 18.23 11.05 -4.55
N PHE A 355 17.32 11.12 -3.55
CA PHE A 355 16.94 12.38 -2.94
CA PHE A 355 16.92 12.36 -2.91
C PHE A 355 17.95 12.74 -1.84
N GLU A 356 18.48 13.94 -1.94
CA GLU A 356 19.56 14.45 -1.07
C GLU A 356 20.89 14.43 -1.85
FE FE2 B . -2.06 -4.15 -2.02
C CMO C . -0.68 -5.30 -2.22
O CMO C . 0.21 -6.04 -2.34
C CMO D . -0.93 -2.91 -1.40
O CMO D . -0.20 -2.12 -1.00
C CYN E . -2.01 -3.45 -3.72
N CYN E . -1.99 -2.98 -4.83
C1 CPS F . -4.94 13.98 -11.62
C2 CPS F . -6.26 14.53 -12.10
C3 CPS F . -6.48 12.38 -13.41
C4 CPS F . -7.00 11.71 -14.70
C5 CPS F . -8.33 12.32 -15.20
C6 CPS F . -8.11 13.84 -15.39
C7 CPS F . -9.31 14.32 -16.18
C8 CPS F . -9.55 13.16 -17.16
C9 CPS F . -8.82 11.92 -16.60
C10 CPS F . -9.42 11.98 -14.12
C11 CPS F . -7.40 14.05 -11.21
C12 CPS F . -3.71 14.56 -12.27
C13 CPS F . -3.74 16.08 -12.14
C14 CPS F . -5.02 16.61 -12.80
C15 CPS F . -6.27 16.05 -12.09
C16 CPS F . -7.60 16.58 -12.67
C17 CPS F . -7.91 16.01 -14.08
C18 CPS F . -7.86 14.49 -14.06
C19 CPS F . -6.54 13.93 -13.48
C20 CPS F . -9.71 10.68 -16.65
O2 CPS F . -2.62 16.55 -12.91
O3 CPS F . -7.01 16.50 -15.07
O4 CPS F . -5.98 11.85 -15.70
FE1 SF4 G . -7.26 -9.82 7.14
FE2 SF4 G . -5.98 -11.70 8.59
FE3 SF4 G . -6.17 -9.16 9.54
FE4 SF4 G . -4.41 -9.67 7.28
S1 SF4 G . -4.30 -10.43 9.55
S2 SF4 G . -5.98 -7.96 7.56
S3 SF4 G . -5.82 -11.35 6.33
S4 SF4 G . -7.91 -10.67 9.22
N SAH H . -2.57 -10.85 6.55
CA SAH H . -1.56 -9.94 5.98
CB SAH H . -1.71 -9.78 4.43
CG SAH H . -3.14 -9.85 3.89
SD SAH H . -4.26 -8.54 4.34
C SAH H . -1.65 -8.63 6.77
O SAH H . -0.68 -7.85 6.62
OXT SAH H . -2.69 -8.33 7.41
C5' SAH H . -3.52 -7.19 3.26
C4' SAH H . -4.09 -5.77 3.50
O4' SAH H . -5.45 -5.64 3.07
C3' SAH H . -4.08 -5.20 4.94
O3' SAH H . -2.75 -4.73 5.24
C2' SAH H . -5.09 -4.07 4.85
O2' SAH H . -4.54 -2.79 4.73
C1' SAH H . -5.93 -4.38 3.57
N9 SAH H . -7.37 -4.52 3.83
C8 SAH H . -7.95 -5.51 4.59
N7 SAH H . -9.28 -5.27 4.74
C5 SAH H . -9.56 -4.11 4.03
C6 SAH H . -10.71 -3.39 3.83
N6 SAH H . -11.94 -3.69 4.31
N1 SAH H . -10.62 -2.23 3.10
C2 SAH H . -9.43 -1.87 2.54
N3 SAH H . -8.27 -2.55 2.70
C4 SAH H . -8.33 -3.67 3.48
CL CL I . 7.30 -5.01 -4.11
CL CL J . -5.27 -6.22 -11.63
S SO4 K . -18.09 -0.98 16.64
S SO4 K . -16.85 -0.93 16.87
O1 SO4 K . -18.18 -2.37 16.13
O1 SO4 K . -15.62 -1.50 17.42
O2 SO4 K . -18.55 -0.93 18.03
O2 SO4 K . -17.75 -0.54 17.95
O3 SO4 K . -18.93 -0.10 15.83
O3 SO4 K . -17.54 -1.95 16.05
O4 SO4 K . -16.68 -0.53 16.61
O4 SO4 K . -16.54 0.24 16.05
N CYS L . -3.58 -5.33 -2.56
CA CYS L . -4.67 -5.11 -1.62
C CYS L . -4.90 -3.64 -1.66
O CYS L . -3.79 -3.01 -1.75
CB CYS L . -4.24 -5.53 -0.21
SG CYS L . -2.57 -4.94 0.13
OXT CYS L . -5.98 -3.14 -1.42
H CYS L . -3.67 -6.03 -3.04
HA CYS L . -5.47 -5.61 -1.84
HB2 CYS L . -4.84 -5.14 0.45
HB3 CYS L . -4.25 -6.49 -0.13
#